data_8T7W
#
_entry.id   8T7W
#
_cell.length_a   52.373
_cell.length_b   114.106
_cell.length_c   117.684
_cell.angle_alpha   90.00
_cell.angle_beta   90.00
_cell.angle_gamma   90.00
#
_symmetry.space_group_name_H-M   'I 2 2 2'
#
loop_
_entity.id
_entity.type
_entity.pdbx_description
1 polymer 'Oxygen-dependent coproporphyrinogen-III oxidase'
2 non-polymer 1,2-ETHANEDIOL
3 water water
#
_entity_poly.entity_id   1
_entity_poly.type   'polypeptide(L)'
_entity_poly.pdbx_seq_one_letter_code
;MAHHHHHHMKPDVQQVKAFLLQLQDAICAKLSAVDGKDFVEDSWQREGGGGGRSRVLRNGGIFEQAGVNFSHVHGDAMPA
SATAHRPELAGRSFEAMGVSLVVHPRNPYVPTSHANVRFFIAEKPGADPVWWFGGGFDLTPYYGFEEDAIHWHRTARDLC
LPYGDEVYPRYKKWCDDYFFLKHRNEQRGIGGLFFDDLNTPDFDHCFAFMQAVGNGFTDAYLPIVERRKTTPYGERERDF
QLYRRGRYVEFNLVWDRGTLFGLQTGGRTESILMSMPPLVRWEYDYHPQEGSPEAALSEFIKVKEWI
;
_entity_poly.pdbx_strand_id   A
#
# COMPACT_ATOMS: atom_id res chain seq x y z
N PRO A 11 -13.14 13.70 -15.13
CA PRO A 11 -12.88 12.68 -16.16
C PRO A 11 -13.82 11.49 -16.06
N ASP A 12 -13.37 10.33 -16.55
CA ASP A 12 -14.24 9.15 -16.62
C ASP A 12 -14.07 8.34 -15.35
N VAL A 13 -14.82 8.73 -14.32
CA VAL A 13 -14.69 8.07 -13.02
C VAL A 13 -15.18 6.63 -13.09
N GLN A 14 -16.18 6.35 -13.93
CA GLN A 14 -16.67 4.97 -13.99
C GLN A 14 -15.64 4.04 -14.63
N GLN A 15 -14.80 4.56 -15.53
CA GLN A 15 -13.74 3.73 -16.08
C GLN A 15 -12.72 3.37 -15.00
N VAL A 16 -12.43 4.31 -14.12
CA VAL A 16 -11.48 4.04 -13.05
C VAL A 16 -12.06 2.96 -12.14
N LYS A 17 -13.32 3.12 -11.76
CA LYS A 17 -13.94 2.15 -10.87
C LYS A 17 -13.94 0.76 -11.49
N ALA A 18 -14.34 0.67 -12.75
CA ALA A 18 -14.36 -0.62 -13.43
C ALA A 18 -12.99 -1.27 -13.44
N PHE A 19 -11.93 -0.49 -13.66
CA PHE A 19 -10.58 -1.06 -13.62
C PHE A 19 -10.25 -1.55 -12.23
N LEU A 20 -10.59 -0.77 -11.20
CA LEU A 20 -10.18 -1.15 -9.86
C LEU A 20 -10.85 -2.44 -9.42
N LEU A 21 -12.12 -2.62 -9.80
CA LEU A 21 -12.82 -3.85 -9.46
C LEU A 21 -12.24 -5.04 -10.19
N GLN A 22 -11.89 -4.88 -11.46
N GLN A 22 -11.87 -4.87 -11.47
CA GLN A 22 -11.27 -5.99 -12.19
CA GLN A 22 -11.28 -5.98 -12.21
C GLN A 22 -9.90 -6.29 -11.62
C GLN A 22 -9.87 -6.29 -11.69
N LEU A 23 -9.14 -5.26 -11.25
CA LEU A 23 -7.82 -5.49 -10.64
C LEU A 23 -7.94 -6.31 -9.36
N GLN A 24 -8.87 -5.93 -8.49
CA GLN A 24 -9.09 -6.72 -7.29
C GLN A 24 -9.36 -8.19 -7.65
N ASP A 25 -10.20 -8.43 -8.64
CA ASP A 25 -10.47 -9.80 -9.07
C ASP A 25 -9.20 -10.51 -9.54
N ALA A 26 -8.39 -9.82 -10.36
CA ALA A 26 -7.20 -10.47 -10.90
C ALA A 26 -6.18 -10.77 -9.83
N ILE A 27 -5.95 -9.83 -8.92
CA ILE A 27 -4.96 -10.05 -7.88
C ILE A 27 -5.41 -11.16 -6.93
N CYS A 28 -6.68 -11.15 -6.56
CA CYS A 28 -7.19 -12.20 -5.69
C CYS A 28 -7.07 -13.57 -6.35
N ALA A 29 -7.36 -13.66 -7.66
CA ALA A 29 -7.26 -14.96 -8.32
C ALA A 29 -5.83 -15.46 -8.29
N LYS A 30 -4.86 -14.56 -8.53
CA LYS A 30 -3.47 -14.98 -8.60
C LYS A 30 -2.94 -15.36 -7.22
N LEU A 31 -3.34 -14.61 -6.20
CA LEU A 31 -2.88 -14.91 -4.84
C LEU A 31 -3.50 -16.21 -4.32
N SER A 32 -4.78 -16.42 -4.59
CA SER A 32 -5.46 -17.63 -4.18
C SER A 32 -4.88 -18.84 -4.90
N ALA A 33 -4.51 -18.67 -6.17
CA ALA A 33 -3.97 -19.81 -6.89
C ALA A 33 -2.67 -20.27 -6.27
N VAL A 34 -1.82 -19.33 -5.86
CA VAL A 34 -0.56 -19.68 -5.22
C VAL A 34 -0.81 -20.32 -3.86
N ASP A 35 -1.74 -19.76 -3.07
CA ASP A 35 -1.87 -20.19 -1.68
C ASP A 35 -2.64 -21.50 -1.57
N GLY A 36 -3.73 -21.64 -2.33
CA GLY A 36 -4.60 -22.78 -2.24
C GLY A 36 -5.96 -22.46 -1.66
N LYS A 37 -6.03 -21.50 -0.75
CA LYS A 37 -7.29 -21.11 -0.11
C LYS A 37 -7.91 -19.91 -0.81
N ASP A 38 -9.24 -19.86 -0.79
CA ASP A 38 -10.00 -18.76 -1.37
C ASP A 38 -10.05 -17.56 -0.43
N PHE A 39 -10.24 -16.40 -1.04
CA PHE A 39 -10.63 -15.20 -0.29
C PHE A 39 -12.12 -15.26 0.05
N VAL A 40 -12.44 -14.73 1.24
CA VAL A 40 -13.83 -14.45 1.63
C VAL A 40 -14.15 -13.01 1.29
N GLU A 41 -15.35 -12.76 0.76
CA GLU A 41 -15.77 -11.42 0.35
C GLU A 41 -16.83 -10.88 1.30
N ASP A 42 -16.67 -9.61 1.69
CA ASP A 42 -17.66 -8.82 2.44
C ASP A 42 -17.86 -7.50 1.72
N SER A 43 -19.10 -7.11 1.50
CA SER A 43 -19.41 -5.78 0.95
C SER A 43 -20.12 -4.95 2.00
N TRP A 44 -19.91 -3.64 1.90
CA TRP A 44 -20.48 -2.68 2.85
C TRP A 44 -20.88 -1.43 2.09
N GLN A 45 -21.94 -0.77 2.55
CA GLN A 45 -22.47 0.41 1.86
C GLN A 45 -22.56 1.60 2.81
N GLY A 49 -22.74 7.84 1.48
CA GLY A 49 -21.32 8.01 1.70
C GLY A 49 -20.38 7.02 1.02
N GLY A 50 -20.91 6.13 0.15
CA GLY A 50 -20.08 5.12 -0.51
C GLY A 50 -20.04 3.80 0.23
N GLY A 51 -19.10 2.95 -0.19
CA GLY A 51 -18.94 1.66 0.47
C GLY A 51 -17.66 0.93 0.13
N GLY A 52 -17.68 -0.40 0.12
CA GLY A 52 -16.49 -1.13 -0.25
C GLY A 52 -16.76 -2.60 -0.47
N ARG A 53 -15.72 -3.29 -0.91
CA ARG A 53 -15.75 -4.72 -1.14
C ARG A 53 -14.42 -5.26 -0.64
N SER A 54 -14.44 -5.97 0.48
CA SER A 54 -13.24 -6.51 1.10
C SER A 54 -13.10 -7.98 0.77
N ARG A 55 -11.87 -8.42 0.53
CA ARG A 55 -11.56 -9.82 0.29
C ARG A 55 -10.41 -10.21 1.19
N VAL A 56 -10.60 -11.23 2.03
CA VAL A 56 -9.60 -11.63 3.01
CA VAL A 56 -9.56 -11.63 2.97
C VAL A 56 -9.35 -13.13 2.90
N LEU A 57 -8.09 -13.51 2.91
CA LEU A 57 -7.64 -14.89 2.95
C LEU A 57 -7.02 -15.05 4.33
N ARG A 58 -7.65 -15.88 5.16
CA ARG A 58 -7.23 -16.07 6.53
C ARG A 58 -6.49 -17.38 6.68
N ASN A 59 -5.33 -17.35 7.31
CA ASN A 59 -4.65 -18.55 7.74
C ASN A 59 -4.50 -19.56 6.60
N GLY A 60 -4.08 -19.04 5.46
N GLY A 60 -3.92 -19.12 5.48
CA GLY A 60 -3.54 -19.91 4.46
CA GLY A 60 -3.96 -19.89 4.24
C GLY A 60 -2.23 -20.50 4.91
C GLY A 60 -2.83 -20.88 3.96
N GLY A 61 -1.87 -21.61 4.26
N GLY A 61 -1.81 -20.96 4.82
CA GLY A 61 -0.58 -22.22 4.49
CA GLY A 61 -0.73 -21.90 4.63
C GLY A 61 0.58 -21.48 3.88
C GLY A 61 0.49 -21.26 4.00
N ILE A 62 0.36 -20.74 2.78
CA ILE A 62 1.38 -19.85 2.24
C ILE A 62 1.23 -18.46 2.85
N PHE A 63 0.05 -17.87 2.71
CA PHE A 63 -0.22 -16.52 3.22
C PHE A 63 -0.96 -16.63 4.55
N GLU A 64 -0.26 -16.26 5.63
CA GLU A 64 -0.88 -16.32 6.94
C GLU A 64 -2.08 -15.39 6.99
N GLN A 65 -1.97 -14.27 6.30
CA GLN A 65 -3.13 -13.46 5.98
C GLN A 65 -2.84 -12.71 4.70
N ALA A 66 -3.85 -12.56 3.86
CA ALA A 66 -3.79 -11.68 2.71
C ALA A 66 -5.09 -10.92 2.63
N GLY A 67 -5.00 -9.63 2.29
CA GLY A 67 -6.21 -8.85 2.18
C GLY A 67 -6.14 -7.92 0.99
N VAL A 68 -7.22 -7.84 0.20
CA VAL A 68 -7.31 -6.96 -0.95
C VAL A 68 -8.63 -6.24 -0.85
N ASN A 69 -8.61 -4.93 -0.64
CA ASN A 69 -9.84 -4.18 -0.41
CA ASN A 69 -9.83 -4.16 -0.36
C ASN A 69 -10.08 -3.12 -1.45
N PHE A 70 -11.32 -3.04 -1.88
CA PHE A 70 -11.80 -1.95 -2.71
C PHE A 70 -12.66 -1.03 -1.86
N SER A 71 -12.47 0.27 -2.03
CA SER A 71 -13.30 1.26 -1.34
C SER A 71 -13.70 2.36 -2.31
N HIS A 72 -14.90 2.89 -2.12
CA HIS A 72 -15.42 4.00 -2.90
C HIS A 72 -16.20 4.88 -1.93
N VAL A 73 -15.67 6.04 -1.61
CA VAL A 73 -16.30 6.89 -0.61
C VAL A 73 -16.54 8.28 -1.18
N HIS A 74 -17.55 8.95 -0.62
N HIS A 74 -17.52 8.98 -0.60
CA HIS A 74 -17.92 10.32 -0.96
CA HIS A 74 -17.81 10.34 -1.03
C HIS A 74 -17.96 11.11 0.35
C HIS A 74 -18.32 11.11 0.18
N GLY A 75 -17.92 12.43 0.24
N GLY A 75 -17.94 12.38 0.26
CA GLY A 75 -18.00 13.25 1.44
CA GLY A 75 -18.39 13.24 1.33
C GLY A 75 -18.22 14.71 1.15
C GLY A 75 -18.54 14.67 0.87
N ASP A 76 -18.62 15.43 2.20
N ASP A 76 -19.29 15.44 1.66
CA ASP A 76 -18.87 16.87 2.14
CA ASP A 76 -19.48 16.86 1.40
C ASP A 76 -17.60 17.69 2.31
C ASP A 76 -18.27 17.67 1.84
N ALA A 77 -16.64 17.20 3.08
N ALA A 77 -17.50 17.16 2.81
CA ALA A 77 -15.49 18.00 3.50
CA ALA A 77 -16.31 17.84 3.28
C ALA A 77 -14.24 17.13 3.45
C ALA A 77 -15.33 16.82 3.82
N MET A 78 -13.50 17.19 2.35
N MET A 78 -14.05 17.11 3.67
CA MET A 78 -12.38 16.27 2.18
CA MET A 78 -13.01 16.33 4.32
C MET A 78 -11.30 16.53 3.24
C MET A 78 -12.92 16.73 5.78
N PRO A 79 -10.80 15.48 3.90
N PRO A 79 -12.17 15.98 6.57
CA PRO A 79 -9.66 15.67 4.81
CA PRO A 79 -11.93 16.40 7.96
C PRO A 79 -8.37 15.96 4.07
C PRO A 79 -11.24 17.76 7.99
N ALA A 80 -7.50 16.72 4.72
N ALA A 80 -11.46 18.47 9.09
CA ALA A 80 -6.20 17.03 4.13
CA ALA A 80 -10.82 19.77 9.29
C ALA A 80 -5.37 15.78 3.91
C ALA A 80 -9.30 19.64 9.23
N SER A 81 -5.52 14.76 4.77
N SER A 81 -8.76 18.53 9.72
CA SER A 81 -4.80 13.50 4.59
CA SER A 81 -7.32 18.31 9.64
C SER A 81 -5.07 12.87 3.23
C SER A 81 -6.82 18.32 8.21
N ALA A 82 -6.12 13.33 2.54
N ALA A 82 -7.67 17.94 7.25
CA ALA A 82 -6.36 12.85 1.18
CA ALA A 82 -7.26 17.82 5.87
C ALA A 82 -5.21 13.13 0.24
C ALA A 82 -7.37 19.13 5.10
N THR A 83 -4.36 14.10 0.56
N THR A 83 -8.24 20.03 5.55
CA THR A 83 -3.30 14.48 -0.35
CA THR A 83 -8.43 21.32 4.89
C THR A 83 -2.00 14.67 0.41
C THR A 83 -7.72 22.47 5.62
N ALA A 84 -0.90 14.63 -0.32
N ALA A 84 -7.27 22.24 6.85
CA ALA A 84 0.41 14.80 0.30
CA ALA A 84 -6.57 23.28 7.60
C ALA A 84 0.65 16.28 0.61
C ALA A 84 -5.38 23.80 6.81
N HIS A 85 -5.33 25.12 6.64
CA HIS A 85 -4.35 25.75 5.76
C HIS A 85 -4.18 25.01 4.45
N ARG A 86 -1.26 18.93 -1.08
N ARG A 86 -5.29 24.54 3.87
CA ARG A 86 -2.23 19.94 -1.48
CA ARG A 86 -5.26 23.86 2.57
C ARG A 86 -3.29 20.17 -0.40
C ARG A 86 -6.46 24.36 1.77
N PRO A 87 -2.84 20.52 0.80
N PRO A 87 -6.46 25.65 1.39
CA PRO A 87 -3.80 20.73 1.89
CA PRO A 87 -7.57 26.20 0.59
C PRO A 87 -4.82 21.82 1.58
C PRO A 87 -7.87 25.37 -0.65
N GLU A 88 -4.54 22.69 0.61
N GLU A 88 -6.88 24.63 -1.11
CA GLU A 88 -5.47 23.73 0.23
CA GLU A 88 -7.06 23.88 -2.34
C GLU A 88 -6.77 23.17 -0.35
C GLU A 88 -8.14 22.82 -2.19
N LEU A 89 -6.78 21.91 -0.77
N LEU A 89 -8.33 22.31 -0.98
CA LEU A 89 -7.98 21.27 -1.30
CA LEU A 89 -9.40 21.36 -0.68
C LEU A 89 -8.87 20.70 -0.19
C LEU A 89 -10.52 21.94 0.16
N ALA A 90 -8.42 20.71 1.06
N ALA A 90 -10.30 23.10 0.77
CA ALA A 90 -9.24 20.17 2.13
CA ALA A 90 -11.29 23.66 1.69
C ALA A 90 -10.53 20.96 2.25
C ALA A 90 -12.60 23.90 0.96
N GLY A 91 -11.63 20.26 2.51
N GLY A 91 -13.71 23.53 1.60
CA GLY A 91 -12.92 20.89 2.68
CA GLY A 91 -15.01 23.80 1.02
C GLY A 91 -13.83 20.82 1.48
C GLY A 91 -15.43 22.86 -0.08
N ARG A 92 -13.32 20.50 0.30
N ARG A 92 -14.67 21.80 -0.35
CA ARG A 92 -14.16 20.34 -0.87
CA ARG A 92 -14.93 20.91 -1.46
C ARG A 92 -14.98 19.05 -0.79
C ARG A 92 -15.59 19.62 -0.99
N SER A 93 -16.11 19.04 -1.49
N SER A 93 -16.55 19.15 -1.79
CA SER A 93 -16.86 17.81 -1.70
CA SER A 93 -16.93 17.76 -1.71
C SER A 93 -16.05 16.89 -2.59
C SER A 93 -15.84 16.93 -2.38
N PHE A 94 -15.92 15.62 -2.19
CA PHE A 94 -14.98 14.75 -2.85
C PHE A 94 -15.54 13.36 -3.01
N GLU A 95 -14.90 12.63 -3.91
CA GLU A 95 -15.15 11.24 -4.18
C GLU A 95 -13.77 10.59 -4.27
N ALA A 96 -13.64 9.39 -3.73
CA ALA A 96 -12.37 8.67 -3.78
C ALA A 96 -12.63 7.19 -3.94
N MET A 97 -11.71 6.53 -4.63
CA MET A 97 -11.84 5.09 -4.83
C MET A 97 -10.45 4.51 -4.98
N GLY A 98 -10.32 3.25 -4.55
CA GLY A 98 -9.01 2.64 -4.65
C GLY A 98 -9.02 1.19 -4.25
N VAL A 99 -7.89 0.54 -4.53
CA VAL A 99 -7.60 -0.81 -4.07
C VAL A 99 -6.36 -0.78 -3.20
N SER A 100 -6.44 -1.42 -2.04
CA SER A 100 -5.33 -1.49 -1.11
C SER A 100 -5.14 -2.94 -0.72
N LEU A 101 -3.90 -3.40 -0.66
CA LEU A 101 -3.68 -4.79 -0.29
C LEU A 101 -2.43 -4.95 0.55
N VAL A 102 -2.44 -5.98 1.39
CA VAL A 102 -1.27 -6.36 2.18
C VAL A 102 -1.26 -7.88 2.23
N VAL A 103 -0.07 -8.46 2.05
CA VAL A 103 0.12 -9.90 2.13
C VAL A 103 1.14 -10.18 3.22
N HIS A 104 0.77 -11.05 4.18
CA HIS A 104 1.65 -11.44 5.28
C HIS A 104 1.92 -12.94 5.19
N PRO A 105 3.02 -13.36 4.58
CA PRO A 105 3.27 -14.79 4.44
C PRO A 105 3.59 -15.46 5.76
N ARG A 106 3.24 -16.74 5.82
CA ARG A 106 3.57 -17.54 6.99
C ARG A 106 5.07 -17.75 7.12
N ASN A 107 5.75 -17.98 6.02
CA ASN A 107 7.17 -18.28 6.05
C ASN A 107 8.00 -17.00 6.15
N PRO A 108 8.84 -16.86 7.19
CA PRO A 108 9.65 -15.64 7.33
C PRO A 108 10.51 -15.32 6.13
N TYR A 109 10.85 -16.29 5.29
CA TYR A 109 11.71 -16.01 4.15
C TYR A 109 10.94 -15.47 2.96
N VAL A 110 9.63 -15.35 3.05
CA VAL A 110 8.81 -14.66 2.04
C VAL A 110 8.44 -13.29 2.59
N PRO A 111 8.80 -12.20 1.93
CA PRO A 111 8.53 -10.86 2.50
C PRO A 111 7.05 -10.54 2.57
N THR A 112 6.70 -9.69 3.53
CA THR A 112 5.43 -8.99 3.50
C THR A 112 5.45 -8.02 2.32
N SER A 113 4.29 -7.76 1.72
CA SER A 113 4.18 -6.78 0.67
C SER A 113 2.90 -5.99 0.79
N HIS A 114 2.90 -4.85 0.11
CA HIS A 114 1.80 -3.90 0.13
C HIS A 114 1.70 -3.25 -1.24
N ALA A 115 0.45 -2.96 -1.64
CA ALA A 115 0.22 -2.15 -2.83
C ALA A 115 -1.04 -1.33 -2.65
N ASN A 116 -1.11 -0.23 -3.38
CA ASN A 116 -2.25 0.65 -3.38
C ASN A 116 -2.34 1.34 -4.73
N VAL A 117 -3.56 1.46 -5.26
CA VAL A 117 -3.82 2.40 -6.34
C VAL A 117 -5.13 3.11 -6.03
N ARG A 118 -5.18 4.40 -6.28
CA ARG A 118 -6.36 5.17 -5.90
C ARG A 118 -6.51 6.42 -6.75
N PHE A 119 -7.71 6.98 -6.68
CA PHE A 119 -8.11 8.14 -7.45
C PHE A 119 -9.02 9.01 -6.58
N PHE A 120 -8.82 10.32 -6.65
CA PHE A 120 -9.55 11.32 -5.90
C PHE A 120 -10.07 12.39 -6.84
N ILE A 121 -11.26 12.90 -6.55
CA ILE A 121 -11.75 14.08 -7.25
C ILE A 121 -12.46 14.96 -6.23
N ALA A 122 -12.09 16.23 -6.18
CA ALA A 122 -12.60 17.19 -5.21
C ALA A 122 -13.18 18.39 -5.96
N GLU A 123 -14.47 18.66 -5.74
CA GLU A 123 -15.23 19.60 -6.54
C GLU A 123 -15.52 20.87 -5.76
N LYS A 124 -15.62 21.97 -6.50
CA LYS A 124 -15.76 23.32 -5.97
C LYS A 124 -16.68 24.10 -6.90
N PRO A 125 -17.85 24.54 -6.44
CA PRO A 125 -18.66 25.44 -7.26
C PRO A 125 -17.85 26.63 -7.75
N GLY A 126 -17.97 26.92 -9.04
CA GLY A 126 -17.24 27.98 -9.69
C GLY A 126 -16.04 27.49 -10.47
N ALA A 127 -15.44 26.39 -10.03
CA ALA A 127 -14.16 25.94 -10.53
C ALA A 127 -14.26 24.52 -11.08
N ASP A 128 -13.30 24.18 -11.93
CA ASP A 128 -13.14 22.82 -12.36
C ASP A 128 -12.67 21.97 -11.19
N PRO A 129 -13.00 20.69 -11.19
CA PRO A 129 -12.56 19.83 -10.10
C PRO A 129 -11.06 19.63 -10.15
N VAL A 130 -10.49 19.32 -9.01
CA VAL A 130 -9.12 18.83 -8.95
C VAL A 130 -9.20 17.33 -8.68
N TRP A 131 -8.53 16.58 -9.53
CA TRP A 131 -8.46 15.14 -9.41
C TRP A 131 -7.00 14.73 -9.36
N TRP A 132 -6.74 13.56 -8.79
CA TRP A 132 -5.38 13.03 -8.82
C TRP A 132 -5.42 11.54 -8.56
N PHE A 133 -4.31 10.90 -8.93
CA PHE A 133 -4.03 9.50 -8.66
C PHE A 133 -2.92 9.40 -7.63
N GLY A 134 -2.95 8.30 -6.88
CA GLY A 134 -1.86 7.93 -6.01
C GLY A 134 -1.75 6.42 -5.99
N GLY A 135 -0.63 5.95 -5.47
CA GLY A 135 -0.46 4.51 -5.33
C GLY A 135 0.99 4.12 -5.19
N GLY A 136 1.24 2.85 -5.40
CA GLY A 136 2.59 2.31 -5.27
C GLY A 136 2.57 0.88 -4.81
N PHE A 137 3.77 0.31 -4.73
CA PHE A 137 3.93 -0.97 -4.07
C PHE A 137 5.30 -1.02 -3.38
N ASP A 138 5.38 -1.81 -2.31
CA ASP A 138 6.61 -1.86 -1.51
C ASP A 138 6.73 -3.24 -0.85
N LEU A 139 7.98 -3.60 -0.56
CA LEU A 139 8.36 -4.92 -0.07
C LEU A 139 9.02 -4.82 1.30
N THR A 140 8.59 -5.69 2.22
CA THR A 140 9.05 -5.66 3.62
C THR A 140 9.65 -7.02 3.97
N PRO A 141 10.95 -7.23 3.75
CA PRO A 141 11.57 -8.51 4.08
C PRO A 141 11.89 -8.64 5.57
N TYR A 142 12.03 -9.88 5.97
CA TYR A 142 12.57 -10.27 7.26
C TYR A 142 13.95 -10.90 7.14
N TYR A 143 14.14 -11.68 6.09
CA TYR A 143 15.43 -12.27 5.71
C TYR A 143 15.59 -11.92 4.23
N GLY A 144 16.35 -10.88 3.97
CA GLY A 144 16.41 -10.33 2.61
C GLY A 144 17.33 -11.12 1.71
N PHE A 145 16.95 -11.18 0.43
CA PHE A 145 17.79 -11.70 -0.64
C PHE A 145 17.96 -10.60 -1.68
N GLU A 146 19.21 -10.24 -1.97
CA GLU A 146 19.46 -9.15 -2.90
C GLU A 146 18.82 -9.40 -4.27
N GLU A 147 18.86 -10.64 -4.77
CA GLU A 147 18.31 -10.87 -6.10
C GLU A 147 16.80 -10.69 -6.12
N ASP A 148 16.13 -10.88 -4.97
CA ASP A 148 14.70 -10.59 -4.91
C ASP A 148 14.44 -9.10 -4.95
N ALA A 149 15.22 -8.34 -4.19
CA ALA A 149 15.11 -6.88 -4.21
C ALA A 149 15.38 -6.33 -5.60
N ILE A 150 16.30 -6.95 -6.34
CA ILE A 150 16.59 -6.53 -7.72
C ILE A 150 15.41 -6.84 -8.61
N HIS A 151 14.82 -8.04 -8.50
CA HIS A 151 13.62 -8.34 -9.26
C HIS A 151 12.51 -7.32 -9.00
N TRP A 152 12.29 -7.02 -7.73
CA TRP A 152 11.25 -6.09 -7.33
C TRP A 152 11.45 -4.73 -7.97
N HIS A 153 12.63 -4.16 -7.81
CA HIS A 153 12.90 -2.86 -8.38
C HIS A 153 12.95 -2.88 -9.91
N ARG A 154 13.44 -3.95 -10.53
CA ARG A 154 13.45 -3.99 -12.00
C ARG A 154 12.04 -4.01 -12.53
N THR A 155 11.14 -4.69 -11.82
CA THR A 155 9.74 -4.72 -12.24
C THR A 155 9.16 -3.31 -12.19
N ALA A 156 9.42 -2.59 -11.08
CA ALA A 156 8.97 -1.21 -10.98
C ALA A 156 9.58 -0.34 -12.07
N ARG A 157 10.87 -0.47 -12.34
CA ARG A 157 11.48 0.37 -13.36
C ARG A 157 10.89 0.06 -14.73
N ASP A 158 10.68 -1.22 -15.03
CA ASP A 158 10.18 -1.59 -16.36
C ASP A 158 8.82 -0.95 -16.63
N LEU A 159 7.94 -0.95 -15.63
CA LEU A 159 6.59 -0.46 -15.90
C LEU A 159 6.56 1.05 -15.99
N CYS A 160 7.54 1.71 -15.40
CA CYS A 160 7.68 3.16 -15.49
C CYS A 160 8.25 3.63 -16.82
N LEU A 161 9.03 2.78 -17.51
CA LEU A 161 9.80 3.27 -18.65
C LEU A 161 8.97 3.99 -19.70
N PRO A 162 7.78 3.51 -20.10
CA PRO A 162 7.03 4.22 -21.15
C PRO A 162 6.69 5.65 -20.80
N TYR A 163 6.74 6.01 -19.51
CA TYR A 163 6.34 7.31 -19.02
C TYR A 163 7.51 8.29 -18.90
N GLY A 164 8.72 7.84 -19.16
CA GLY A 164 9.88 8.73 -19.12
C GLY A 164 10.93 8.21 -18.15
N ASP A 165 12.21 8.49 -18.46
CA ASP A 165 13.32 7.91 -17.73
C ASP A 165 13.41 8.42 -16.30
N GLU A 166 12.81 9.55 -15.98
CA GLU A 166 12.91 10.08 -14.63
C GLU A 166 11.79 9.61 -13.72
N VAL A 167 10.83 8.83 -14.23
CA VAL A 167 9.69 8.44 -13.41
C VAL A 167 10.09 7.42 -12.33
N TYR A 168 10.75 6.31 -12.71
CA TYR A 168 11.14 5.35 -11.68
C TYR A 168 12.02 6.00 -10.62
N PRO A 169 13.06 6.77 -10.95
CA PRO A 169 13.89 7.32 -9.87
C PRO A 169 13.10 8.22 -8.94
N ARG A 170 12.18 9.01 -9.48
CA ARG A 170 11.38 9.92 -8.66
C ARG A 170 10.50 9.15 -7.69
N TYR A 171 9.79 8.14 -8.19
CA TYR A 171 8.85 7.45 -7.32
C TYR A 171 9.51 6.36 -6.46
N LYS A 172 10.70 5.88 -6.87
CA LYS A 172 11.50 5.04 -5.98
C LYS A 172 11.97 5.86 -4.79
N LYS A 173 12.45 7.08 -5.06
CA LYS A 173 12.89 7.93 -3.98
C LYS A 173 11.72 8.31 -3.08
N TRP A 174 10.56 8.62 -3.68
CA TRP A 174 9.40 8.97 -2.85
C TRP A 174 9.03 7.80 -1.95
N CYS A 175 9.12 6.57 -2.45
CA CYS A 175 8.79 5.42 -1.63
C CYS A 175 9.72 5.33 -0.42
N ASP A 176 11.01 5.56 -0.64
CA ASP A 176 11.98 5.60 0.47
C ASP A 176 11.62 6.71 1.45
N ASP A 177 11.22 7.87 0.94
CA ASP A 177 10.94 8.99 1.81
C ASP A 177 9.72 8.74 2.67
N TYR A 178 8.72 8.07 2.11
CA TYR A 178 7.45 7.90 2.83
C TYR A 178 7.51 6.74 3.81
N PHE A 179 8.05 5.59 3.41
CA PHE A 179 8.04 4.41 4.28
C PHE A 179 9.29 4.44 5.17
N PHE A 180 9.26 5.38 6.09
CA PHE A 180 10.32 5.68 7.04
C PHE A 180 9.65 5.78 8.41
N LEU A 181 10.23 5.11 9.41
CA LEU A 181 9.73 5.14 10.77
C LEU A 181 10.64 6.05 11.57
N LYS A 182 10.24 7.32 11.70
CA LYS A 182 11.10 8.28 12.39
C LYS A 182 11.45 7.79 13.80
N HIS A 183 10.47 7.25 14.51
CA HIS A 183 10.72 6.89 15.90
C HIS A 183 11.62 5.68 16.06
N ARG A 184 11.94 4.98 14.95
CA ARG A 184 12.86 3.85 14.92
C ARG A 184 14.12 4.16 14.11
N ASN A 185 14.15 5.31 13.45
CA ASN A 185 15.24 5.65 12.52
C ASN A 185 15.53 4.47 11.59
N GLU A 186 14.46 3.92 11.04
CA GLU A 186 14.53 2.74 10.16
C GLU A 186 13.59 2.95 9.00
N GLN A 187 13.98 2.46 7.82
CA GLN A 187 13.01 2.25 6.76
C GLN A 187 12.09 1.09 7.10
N ARG A 188 10.89 1.09 6.51
CA ARG A 188 9.98 -0.03 6.69
C ARG A 188 10.40 -1.26 5.89
N GLY A 189 10.97 -1.06 4.74
CA GLY A 189 11.32 -2.16 3.86
C GLY A 189 12.40 -1.75 2.89
N ILE A 190 12.40 -2.37 1.70
CA ILE A 190 13.38 -2.04 0.66
C ILE A 190 12.74 -1.18 -0.42
N GLY A 191 11.51 -0.74 -0.22
CA GLY A 191 10.93 0.23 -1.12
C GLY A 191 10.21 -0.37 -2.30
N GLY A 192 10.25 0.38 -3.39
CA GLY A 192 9.46 0.12 -4.58
C GLY A 192 9.05 1.44 -5.21
N LEU A 193 7.75 1.67 -5.36
CA LEU A 193 7.18 2.89 -5.94
C LEU A 193 6.21 3.51 -4.95
N PHE A 194 6.19 4.84 -4.92
CA PHE A 194 5.15 5.60 -4.22
C PHE A 194 4.92 6.87 -5.00
N PHE A 195 3.65 7.20 -5.24
CA PHE A 195 3.32 8.48 -5.84
C PHE A 195 2.00 8.98 -5.29
N ASP A 196 1.82 10.29 -5.36
CA ASP A 196 0.58 10.92 -4.92
C ASP A 196 0.41 12.22 -5.70
N ASP A 197 -0.80 12.76 -5.64
CA ASP A 197 -1.11 14.05 -6.23
C ASP A 197 -0.77 14.08 -7.72
N LEU A 198 -0.93 12.96 -8.38
CA LEU A 198 -0.50 12.83 -9.76
C LEU A 198 -1.65 13.22 -10.68
N ASN A 199 -1.43 14.27 -11.49
CA ASN A 199 -2.43 14.66 -12.47
C ASN A 199 -1.75 15.29 -13.68
N THR A 200 -0.47 15.01 -13.88
CA THR A 200 0.36 15.52 -14.95
C THR A 200 0.82 14.36 -15.80
N PRO A 201 0.74 14.45 -17.14
CA PRO A 201 0.31 15.59 -17.97
C PRO A 201 -1.19 15.66 -18.24
N ASP A 202 -1.90 14.54 -18.25
CA ASP A 202 -3.33 14.53 -18.51
C ASP A 202 -3.94 13.26 -17.93
N PHE A 203 -5.27 13.20 -17.96
CA PHE A 203 -5.94 12.08 -17.29
C PHE A 203 -5.57 10.74 -17.93
N ASP A 204 -5.61 10.68 -19.26
CA ASP A 204 -5.37 9.39 -19.92
C ASP A 204 -4.02 8.82 -19.55
N HIS A 205 -2.97 9.66 -19.55
CA HIS A 205 -1.66 9.13 -19.20
C HIS A 205 -1.56 8.77 -17.72
N CYS A 206 -2.16 9.56 -16.84
CA CYS A 206 -2.08 9.25 -15.42
C CYS A 206 -2.87 7.98 -15.11
N PHE A 207 -4.02 7.81 -15.73
CA PHE A 207 -4.80 6.59 -15.52
C PHE A 207 -4.01 5.39 -16.01
N ALA A 208 -3.40 5.50 -17.19
CA ALA A 208 -2.62 4.38 -17.69
C ALA A 208 -1.46 4.06 -16.76
N PHE A 209 -0.79 5.07 -16.23
CA PHE A 209 0.27 4.81 -15.26
C PHE A 209 -0.27 4.11 -14.02
N MET A 210 -1.38 4.59 -13.49
CA MET A 210 -1.92 3.94 -12.30
C MET A 210 -2.23 2.47 -12.58
N GLN A 211 -2.77 2.17 -13.78
CA GLN A 211 -3.04 0.79 -14.12
C GLN A 211 -1.75 -0.01 -14.17
N ALA A 212 -0.69 0.58 -14.70
CA ALA A 212 0.57 -0.13 -14.80
C ALA A 212 1.14 -0.49 -13.44
N VAL A 213 1.02 0.43 -12.47
CA VAL A 213 1.46 0.14 -11.10
C VAL A 213 0.61 -0.97 -10.51
N GLY A 214 -0.70 -0.85 -10.63
CA GLY A 214 -1.57 -1.86 -10.03
C GLY A 214 -1.37 -3.24 -10.64
N ASN A 215 -1.28 -3.28 -11.97
CA ASN A 215 -1.03 -4.55 -12.64
C ASN A 215 0.35 -5.10 -12.31
N GLY A 216 1.30 -4.21 -12.04
CA GLY A 216 2.66 -4.59 -11.75
C GLY A 216 2.88 -5.32 -10.43
N PHE A 217 1.99 -5.13 -9.46
CA PHE A 217 2.27 -5.70 -8.15
C PHE A 217 2.53 -7.19 -8.21
N THR A 218 1.65 -7.97 -8.86
CA THR A 218 1.86 -9.41 -8.86
C THR A 218 3.07 -9.82 -9.69
N ASP A 219 3.39 -9.05 -10.73
CA ASP A 219 4.60 -9.29 -11.49
C ASP A 219 5.82 -9.15 -10.61
N ALA A 220 5.78 -8.19 -9.66
CA ALA A 220 6.90 -7.95 -8.77
C ALA A 220 6.94 -8.99 -7.65
N TYR A 221 5.78 -9.35 -7.12
CA TYR A 221 5.73 -10.14 -5.89
C TYR A 221 5.74 -11.64 -6.11
N LEU A 222 4.92 -12.12 -7.03
CA LEU A 222 4.72 -13.56 -7.07
C LEU A 222 5.96 -14.36 -7.46
N PRO A 223 6.86 -13.87 -8.32
CA PRO A 223 8.09 -14.63 -8.53
C PRO A 223 8.93 -14.77 -7.26
N ILE A 224 8.84 -13.80 -6.35
CA ILE A 224 9.55 -13.94 -5.08
C ILE A 224 8.87 -14.98 -4.21
N VAL A 225 7.54 -14.96 -4.14
CA VAL A 225 6.85 -16.01 -3.37
C VAL A 225 7.23 -17.38 -3.91
N GLU A 226 7.23 -17.54 -5.23
CA GLU A 226 7.54 -18.85 -5.77
CA GLU A 226 7.56 -18.84 -5.81
C GLU A 226 8.95 -19.28 -5.39
N ARG A 227 9.90 -18.34 -5.40
CA ARG A 227 11.29 -18.67 -5.11
C ARG A 227 11.51 -19.06 -3.66
N ARG A 228 10.77 -18.43 -2.73
CA ARG A 228 11.10 -18.52 -1.31
C ARG A 228 10.13 -19.34 -0.46
N LYS A 229 8.98 -19.74 -0.98
CA LYS A 229 7.93 -20.33 -0.15
C LYS A 229 8.31 -21.66 0.47
N THR A 230 9.28 -22.39 -0.08
CA THR A 230 9.68 -23.67 0.50
C THR A 230 10.93 -23.57 1.37
N THR A 231 11.41 -22.36 1.65
CA THR A 231 12.64 -22.24 2.42
C THR A 231 12.42 -22.81 3.81
N PRO A 232 13.24 -23.74 4.27
CA PRO A 232 13.06 -24.27 5.61
C PRO A 232 13.32 -23.21 6.67
N TYR A 233 12.56 -23.30 7.76
CA TYR A 233 12.75 -22.37 8.86
C TYR A 233 12.29 -23.01 10.15
N GLY A 234 12.66 -22.35 11.25
CA GLY A 234 12.31 -22.80 12.58
C GLY A 234 11.93 -21.67 13.50
N GLU A 235 11.93 -21.95 14.80
CA GLU A 235 11.45 -20.98 15.77
C GLU A 235 12.27 -19.68 15.73
N ARG A 236 13.59 -19.76 15.48
CA ARG A 236 14.41 -18.56 15.43
C ARG A 236 13.85 -17.56 14.42
N GLU A 237 13.59 -18.03 13.20
CA GLU A 237 13.13 -17.14 12.15
C GLU A 237 11.70 -16.70 12.40
N ARG A 238 10.87 -17.61 12.93
CA ARG A 238 9.50 -17.22 13.26
C ARG A 238 9.50 -16.12 14.31
N ASP A 239 10.31 -16.27 15.37
CA ASP A 239 10.31 -15.27 16.44
C ASP A 239 10.76 -13.91 15.91
N PHE A 240 11.75 -13.90 15.01
CA PHE A 240 12.24 -12.63 14.50
C PHE A 240 11.22 -12.00 13.57
N GLN A 241 10.60 -12.80 12.70
CA GLN A 241 9.49 -12.29 11.89
C GLN A 241 8.42 -11.64 12.76
N LEU A 242 8.00 -12.32 13.82
CA LEU A 242 6.96 -11.76 14.70
C LEU A 242 7.40 -10.43 15.32
N TYR A 243 8.67 -10.35 15.71
CA TYR A 243 9.20 -9.12 16.25
C TYR A 243 9.18 -8.01 15.20
N ARG A 244 9.64 -8.34 14.00
CA ARG A 244 9.72 -7.32 12.96
C ARG A 244 8.34 -6.85 12.54
N ARG A 245 7.33 -7.70 12.63
CA ARG A 245 5.98 -7.30 12.27
C ARG A 245 5.49 -6.16 13.15
N GLY A 246 6.07 -5.97 14.32
CA GLY A 246 5.67 -4.85 15.17
C GLY A 246 5.96 -3.51 14.52
N ARG A 247 6.99 -3.46 13.69
CA ARG A 247 7.31 -2.22 13.00
C ARG A 247 6.24 -1.86 11.99
N TYR A 248 5.66 -2.87 11.34
CA TYR A 248 4.59 -2.66 10.39
C TYR A 248 3.38 -2.02 11.07
N VAL A 249 3.02 -2.57 12.24
CA VAL A 249 1.90 -2.01 13.01
C VAL A 249 2.20 -0.57 13.38
N GLU A 250 3.41 -0.32 13.89
CA GLU A 250 3.77 1.03 14.32
C GLU A 250 3.69 2.01 13.17
N PHE A 251 4.23 1.63 12.00
CA PHE A 251 4.14 2.56 10.89
C PHE A 251 2.69 2.85 10.54
N ASN A 252 1.86 1.81 10.44
CA ASN A 252 0.52 2.02 9.92
C ASN A 252 -0.33 2.81 10.89
N LEU A 253 -0.13 2.63 12.20
CA LEU A 253 -0.97 3.36 13.14
C LEU A 253 -0.44 4.73 13.56
N VAL A 254 0.86 4.99 13.43
CA VAL A 254 1.44 6.27 13.82
C VAL A 254 1.66 7.21 12.63
N TRP A 255 2.09 6.67 11.49
CA TRP A 255 2.56 7.50 10.39
C TRP A 255 1.73 7.43 9.12
N ASP A 256 1.01 6.36 8.86
CA ASP A 256 0.43 6.15 7.52
C ASP A 256 -0.78 7.05 7.28
N ARG A 257 -0.70 7.88 6.24
N ARG A 257 -0.74 7.85 6.21
CA ARG A 257 -1.83 8.74 5.86
CA ARG A 257 -1.85 8.74 5.86
C ARG A 257 -3.06 7.90 5.53
C ARG A 257 -3.07 7.99 5.38
N GLY A 258 -2.89 6.86 4.72
CA GLY A 258 -4.06 6.11 4.26
C GLY A 258 -4.89 5.58 5.42
N THR A 259 -4.20 5.01 6.40
CA THR A 259 -4.89 4.47 7.57
C THR A 259 -5.60 5.57 8.32
N LEU A 260 -4.99 6.74 8.42
N LEU A 260 -4.91 6.71 8.50
CA LEU A 260 -5.67 7.75 9.22
CA LEU A 260 -5.48 7.92 9.11
C LEU A 260 -6.56 8.66 8.35
C LEU A 260 -6.68 8.41 8.32
N PHE A 261 -6.51 8.54 7.01
CA PHE A 261 -7.62 9.03 6.17
C PHE A 261 -8.85 8.17 6.38
N GLY A 262 -8.68 6.85 6.38
CA GLY A 262 -9.82 5.97 6.57
C GLY A 262 -10.48 6.17 7.91
N LEU A 263 -9.68 6.30 8.96
CA LEU A 263 -10.27 6.52 10.27
C LEU A 263 -10.93 7.88 10.34
N GLN A 264 -10.39 8.88 9.62
CA GLN A 264 -10.96 10.21 9.68
C GLN A 264 -12.28 10.30 8.92
N THR A 265 -12.45 9.49 7.89
CA THR A 265 -13.67 9.48 7.09
C THR A 265 -14.67 8.45 7.58
N GLY A 266 -14.45 7.89 8.77
CA GLY A 266 -15.32 6.88 9.35
C GLY A 266 -15.46 5.63 8.51
N GLY A 267 -14.39 5.22 7.85
CA GLY A 267 -14.43 3.99 7.09
C GLY A 267 -14.67 2.80 7.99
N ARG A 268 -14.85 1.65 7.35
CA ARG A 268 -15.08 0.41 8.09
C ARG A 268 -13.78 -0.01 8.75
N THR A 269 -13.76 -0.03 10.07
CA THR A 269 -12.50 -0.26 10.78
C THR A 269 -11.86 -1.58 10.39
N GLU A 270 -12.66 -2.64 10.22
CA GLU A 270 -12.08 -3.93 9.87
C GLU A 270 -11.44 -3.89 8.48
N SER A 271 -11.96 -3.07 7.56
CA SER A 271 -11.32 -2.95 6.25
C SER A 271 -10.04 -2.13 6.35
N ILE A 272 -10.07 -1.03 7.09
CA ILE A 272 -8.87 -0.23 7.32
C ILE A 272 -7.77 -1.06 7.94
N LEU A 273 -8.10 -1.85 8.97
CA LEU A 273 -7.08 -2.54 9.73
C LEU A 273 -6.76 -3.93 9.19
N MET A 274 -7.15 -4.28 7.96
CA MET A 274 -6.67 -5.57 7.48
C MET A 274 -5.20 -5.53 7.11
N SER A 275 -4.52 -4.40 7.24
CA SER A 275 -3.09 -4.37 7.13
C SER A 275 -2.38 -4.97 8.33
N MET A 276 -3.09 -5.16 9.47
CA MET A 276 -2.41 -5.62 10.67
C MET A 276 -1.93 -7.05 10.46
N PRO A 277 -0.69 -7.36 10.79
CA PRO A 277 -0.27 -8.76 10.70
C PRO A 277 -1.01 -9.62 11.71
N PRO A 278 -1.20 -10.90 11.42
CA PRO A 278 -2.08 -11.73 12.26
C PRO A 278 -1.47 -12.12 13.58
N LEU A 279 -0.15 -12.14 13.70
CA LEU A 279 0.53 -12.45 14.94
C LEU A 279 1.77 -11.58 15.00
N VAL A 280 1.98 -10.91 16.14
CA VAL A 280 3.00 -9.89 16.30
C VAL A 280 3.59 -10.00 17.71
N ARG A 281 4.90 -9.74 17.82
CA ARG A 281 5.59 -9.65 19.10
C ARG A 281 6.15 -8.25 19.29
N TRP A 282 6.19 -7.81 20.53
CA TRP A 282 7.01 -6.69 20.97
C TRP A 282 7.94 -7.20 22.06
N GLU A 283 9.17 -6.70 22.06
CA GLU A 283 10.14 -7.01 23.10
C GLU A 283 10.93 -5.74 23.43
N TYR A 284 11.05 -5.46 24.72
CA TYR A 284 11.75 -4.26 25.16
C TYR A 284 13.24 -4.33 24.82
N ASP A 285 13.70 -3.33 24.06
CA ASP A 285 15.11 -3.07 23.81
C ASP A 285 15.81 -4.32 23.28
N TYR A 286 15.23 -4.87 22.22
CA TYR A 286 15.81 -6.03 21.55
C TYR A 286 16.87 -5.59 20.55
N HIS A 287 18.02 -6.24 20.59
CA HIS A 287 19.09 -6.03 19.62
C HIS A 287 19.55 -7.40 19.15
N PRO A 288 19.46 -7.71 17.86
CA PRO A 288 19.92 -9.02 17.39
C PRO A 288 21.42 -9.19 17.64
N GLN A 289 21.84 -10.45 17.75
CA GLN A 289 23.24 -10.76 17.96
C GLN A 289 24.08 -10.27 16.79
N GLU A 290 25.17 -9.57 17.11
CA GLU A 290 26.10 -9.09 16.10
C GLU A 290 26.52 -10.25 15.20
N GLY A 291 26.48 -10.01 13.90
CA GLY A 291 26.94 -11.02 12.96
C GLY A 291 25.91 -12.06 12.59
N SER A 292 24.70 -11.96 13.11
CA SER A 292 23.66 -12.94 12.87
C SER A 292 22.87 -12.60 11.61
N PRO A 293 22.14 -13.57 11.06
CA PRO A 293 21.25 -13.24 9.95
C PRO A 293 20.21 -12.22 10.34
N GLU A 294 19.80 -12.18 11.61
CA GLU A 294 18.83 -11.20 12.02
C GLU A 294 19.42 -9.80 12.01
N ALA A 295 20.70 -9.68 12.40
CA ALA A 295 21.36 -8.39 12.39
C ALA A 295 21.61 -7.92 10.96
N ALA A 296 21.72 -8.85 10.02
CA ALA A 296 21.94 -8.48 8.63
C ALA A 296 20.79 -7.66 8.05
N LEU A 297 19.60 -7.77 8.60
CA LEU A 297 18.47 -7.02 8.04
C LEU A 297 18.71 -5.52 8.10
N SER A 298 19.39 -5.03 9.12
N SER A 298 19.33 -5.04 9.17
CA SER A 298 19.51 -3.59 9.27
CA SER A 298 19.57 -3.61 9.32
C SER A 298 20.32 -2.96 8.15
C SER A 298 20.25 -3.04 8.09
N GLU A 299 21.37 -3.63 7.68
CA GLU A 299 22.07 -3.12 6.52
C GLU A 299 21.26 -3.34 5.26
N PHE A 300 20.48 -4.43 5.23
CA PHE A 300 19.73 -4.77 4.03
C PHE A 300 18.67 -3.72 3.72
N ILE A 301 18.05 -3.11 4.74
CA ILE A 301 17.00 -2.15 4.50
C ILE A 301 17.48 -0.71 4.62
N LYS A 302 18.79 -0.49 4.71
CA LYS A 302 19.27 0.86 4.51
C LYS A 302 18.89 1.33 3.11
N VAL A 303 18.71 2.64 2.95
CA VAL A 303 18.38 3.19 1.64
C VAL A 303 19.56 2.97 0.70
N LYS A 304 19.28 2.43 -0.49
CA LYS A 304 20.34 2.17 -1.46
C LYS A 304 19.70 2.07 -2.84
N GLU A 305 20.54 2.16 -3.86
CA GLU A 305 20.11 1.87 -5.21
C GLU A 305 20.32 0.38 -5.47
N TRP A 306 19.23 -0.32 -5.73
CA TRP A 306 19.30 -1.75 -6.01
C TRP A 306 19.64 -2.02 -7.47
N ILE A 307 19.21 -1.12 -8.35
CA ILE A 307 19.50 -1.19 -9.76
C ILE A 307 19.86 0.21 -10.29
#